data_6B6D
#
_entry.id   6B6D
#
_cell.length_a   39.630
_cell.length_b   41.650
_cell.length_c   69.350
_cell.angle_alpha   90.00
_cell.angle_beta   104.93
_cell.angle_gamma   90.00
#
_symmetry.space_group_name_H-M   'P 1 21 1'
#
loop_
_entity.id
_entity.type
_entity.pdbx_description
1 polymer Beta-lactamase
2 non-polymer '(2R)-2-[(1S)-1-{[(2Z)-2-(2-amino-1,3-thiazol-4-yl)-2-(methoxyimino)acetyl]amino}-2-hydroxyethyl]-5-methylidene-5,6-dihydro-2H-1,3-thiazine-4-carboxylic acid'
3 non-polymer Ceftriaxone
4 water water
#
_entity_poly.entity_id   1
_entity_poly.type   'polypeptide(L)'
_entity_poly.pdbx_seq_one_letter_code
;GADLADRFAELERRYDARLGVYVPATGTTAAIEYRADERFAFCSTFKAPLVAAVLHQNPLTHLDKLITYTSDDIRSISPV
AQQHVQTGMTIGQLCDAAIRYSDGTAANLLLADLGGPGGGTAAFTGYLRSLGDTVSRLDAEEPELNRDPPGDERDTTTPH
AIALVLQQLVLGNALPPDKRALLTDWMARNTTGAKRIRAGFPADWKVIDKTGTGDYGRANDIAVVWSPTGVPYVVAVMSD
RAGGGYDAEPREALLAEAATCVAGVLA
;
_entity_poly.pdbx_strand_id   A
#
loop_
_chem_comp.id
_chem_comp.type
_chem_comp.name
_chem_comp.formula
9F2 non-polymer Ceftriaxone 'C18 H18 N8 O7 S3'
FZS non-polymer '(2R)-2-[(1S)-1-{[(2Z)-2-(2-amino-1,3-thiazol-4-yl)-2-(methoxyimino)acetyl]amino}-2-hydroxyethyl]-5-methylidene-5,6-dihydro-2H-1,3-thiazine-4-carboxylic acid' 'C14 H17 N5 O5 S2'
#
# COMPACT_ATOMS: atom_id res chain seq x y z
N ASP A 3 3.70 -26.15 7.70
CA ASP A 3 3.76 -25.57 9.04
C ASP A 3 3.48 -24.07 9.00
N LEU A 4 3.29 -23.54 7.78
CA LEU A 4 3.06 -22.11 7.62
C LEU A 4 1.83 -21.64 8.39
N ALA A 5 0.76 -22.45 8.37
CA ALA A 5 -0.45 -22.08 9.09
C ALA A 5 -0.22 -22.10 10.60
N ASP A 6 0.56 -23.07 11.09
CA ASP A 6 0.82 -23.15 12.52
C ASP A 6 1.69 -22.01 13.01
N ARG A 7 2.54 -21.46 12.13
CA ARG A 7 3.37 -20.33 12.51
C ARG A 7 2.61 -19.00 12.42
N PHE A 8 1.73 -18.87 11.43
CA PHE A 8 0.99 -17.63 11.26
C PHE A 8 -0.06 -17.45 12.35
N ALA A 9 -0.69 -18.55 12.78
CA ALA A 9 -1.66 -18.44 13.87
C ALA A 9 -0.99 -18.14 15.19
N GLU A 10 0.24 -18.61 15.38
CA GLU A 10 1.00 -18.27 16.59
C GLU A 10 1.30 -16.78 16.63
N LEU A 11 1.57 -16.17 15.47
CA LEU A 11 1.75 -14.72 15.41
C LEU A 11 0.48 -14.00 15.84
N GLU A 12 -0.69 -14.50 15.43
CA GLU A 12 -1.95 -13.89 15.84
C GLU A 12 -2.18 -14.10 17.34
N ARG A 13 -1.78 -15.25 17.86
CA ARG A 13 -1.96 -15.52 19.29
C ARG A 13 -1.03 -14.68 20.15
N ARG A 14 0.16 -14.38 19.65
CA ARG A 14 1.15 -13.66 20.45
C ARG A 14 0.96 -12.15 20.36
N TYR A 15 0.42 -11.64 19.24
CA TYR A 15 0.24 -10.21 19.05
C TYR A 15 -1.19 -9.73 19.23
N ASP A 16 -2.15 -10.65 19.41
CA ASP A 16 -3.56 -10.32 19.58
C ASP A 16 -4.08 -9.51 18.39
N ALA A 17 -4.06 -10.15 17.22
CA ALA A 17 -4.43 -9.48 15.99
C ALA A 17 -4.85 -10.54 14.98
N ARG A 18 -5.35 -10.07 13.84
CA ARG A 18 -5.67 -10.91 12.70
C ARG A 18 -4.64 -10.64 11.61
N LEU A 19 -3.96 -11.68 11.16
CA LEU A 19 -2.90 -11.57 10.16
C LEU A 19 -3.38 -12.11 8.83
N GLY A 20 -3.11 -11.38 7.76
CA GLY A 20 -3.42 -11.84 6.42
C GLY A 20 -2.25 -11.67 5.49
N VAL A 21 -1.80 -12.74 4.85
CA VAL A 21 -0.67 -12.69 3.93
C VAL A 21 -1.04 -13.38 2.63
N TYR A 22 -0.39 -12.94 1.55
CA TYR A 22 -0.55 -13.58 0.25
C TYR A 22 0.72 -13.37 -0.55
N VAL A 23 1.25 -14.46 -1.10
CA VAL A 23 2.40 -14.43 -2.01
C VAL A 23 1.97 -15.09 -3.30
N PRO A 24 1.91 -14.36 -4.42
CA PRO A 24 1.56 -14.99 -5.70
C PRO A 24 2.53 -16.10 -6.06
N ALA A 25 1.99 -17.16 -6.67
CA ALA A 25 2.82 -18.27 -7.09
C ALA A 25 3.73 -17.86 -8.24
N THR A 26 4.83 -18.61 -8.38
CA THR A 26 5.74 -18.40 -9.50
C THR A 26 5.96 -19.72 -10.22
N GLY A 27 6.89 -19.75 -11.18
CA GLY A 27 7.31 -21.02 -11.75
C GLY A 27 8.05 -21.89 -10.77
N THR A 28 8.64 -21.31 -9.73
CA THR A 28 9.37 -22.04 -8.71
C THR A 28 8.59 -22.15 -7.41
N THR A 29 8.18 -21.02 -6.84
CA THR A 29 7.50 -21.03 -5.55
C THR A 29 6.02 -21.31 -5.72
N ALA A 30 5.39 -21.72 -4.62
CA ALA A 30 3.96 -21.97 -4.57
C ALA A 30 3.25 -20.72 -4.03
N ALA A 31 1.95 -20.85 -3.79
CA ALA A 31 1.14 -19.76 -3.26
C ALA A 31 1.17 -19.81 -1.74
N ILE A 32 1.84 -18.84 -1.13
CA ILE A 32 1.85 -18.68 0.32
C ILE A 32 0.68 -17.78 0.69
N GLU A 33 -0.34 -18.36 1.32
CA GLU A 33 -1.57 -17.64 1.61
C GLU A 33 -2.02 -17.93 3.03
N TYR A 34 -2.28 -16.87 3.79
CA TYR A 34 -2.88 -16.97 5.12
C TYR A 34 -3.96 -15.90 5.20
N ARG A 35 -5.22 -16.33 5.26
CA ARG A 35 -6.36 -15.42 5.32
C ARG A 35 -6.38 -14.44 4.14
N ALA A 36 -5.81 -14.84 2.99
CA ALA A 36 -5.56 -13.87 1.93
C ALA A 36 -6.81 -13.36 1.26
N ASP A 37 -7.98 -13.96 1.50
CA ASP A 37 -9.21 -13.53 0.85
C ASP A 37 -10.18 -12.86 1.82
N GLU A 38 -9.69 -12.39 2.97
CA GLU A 38 -10.50 -11.57 3.86
C GLU A 38 -10.15 -10.10 3.66
N ARG A 39 -11.08 -9.24 4.05
CA ARG A 39 -10.95 -7.81 3.82
C ARG A 39 -10.22 -7.12 4.95
N PHE A 40 -9.20 -6.34 4.60
CA PHE A 40 -8.54 -5.41 5.51
C PHE A 40 -8.62 -4.01 4.93
N ALA A 41 -8.46 -3.03 5.82
CA ALA A 41 -8.45 -1.65 5.41
C ALA A 41 -7.28 -1.37 4.49
N PHE A 42 -7.54 -0.58 3.44
CA PHE A 42 -6.47 -0.04 2.61
C PHE A 42 -5.45 0.69 3.46
N CYS A 43 -5.93 1.64 4.27
CA CYS A 43 -5.08 2.65 4.90
C CYS A 43 -4.21 3.27 3.82
N SER A 44 -2.95 3.56 4.14
CA SER A 44 -2.12 4.26 3.17
C SER A 44 -1.65 3.38 2.01
N THR A 45 -1.93 2.08 2.03
CA THR A 45 -1.49 1.22 0.93
C THR A 45 -2.11 1.59 -0.40
N PHE A 46 -3.25 2.28 -0.39
CA PHE A 46 -3.90 2.67 -1.64
C PHE A 46 -3.15 3.78 -2.38
N LYS A 47 -2.22 4.45 -1.73
CA LYS A 47 -1.49 5.53 -2.38
C LYS A 47 -0.55 5.01 -3.47
N ALA A 48 -0.10 3.76 -3.37
CA ALA A 48 0.77 3.22 -4.41
C ALA A 48 0.01 2.96 -5.71
N PRO A 49 -1.16 2.28 -5.72
CA PRO A 49 -1.92 2.17 -6.97
C PRO A 49 -2.63 3.46 -7.36
N LEU A 50 -2.74 4.43 -6.46
CA LEU A 50 -3.30 5.73 -6.84
C LEU A 50 -2.29 6.54 -7.62
N VAL A 51 -1.01 6.44 -7.25
CA VAL A 51 0.04 7.10 -8.01
C VAL A 51 0.14 6.52 -9.41
N ALA A 52 0.05 5.20 -9.53
CA ALA A 52 0.03 4.57 -10.85
C ALA A 52 -1.21 4.95 -11.63
N ALA A 53 -2.32 5.21 -10.93
CA ALA A 53 -3.53 5.68 -11.62
C ALA A 53 -3.30 7.04 -12.25
N VAL A 54 -2.60 7.93 -11.56
CA VAL A 54 -2.27 9.22 -12.15
C VAL A 54 -1.30 9.04 -13.31
N LEU A 55 -0.41 8.06 -13.23
CA LEU A 55 0.58 7.86 -14.29
C LEU A 55 -0.06 7.28 -15.54
N HIS A 56 -1.01 6.35 -15.37
CA HIS A 56 -1.64 5.73 -16.54
C HIS A 56 -2.51 6.71 -17.30
N GLN A 57 -3.29 7.52 -16.57
CA GLN A 57 -4.26 8.41 -17.19
C GLN A 57 -3.64 9.69 -17.76
N ASN A 58 -2.35 9.92 -17.55
CA ASN A 58 -1.73 11.18 -17.93
C ASN A 58 -0.36 10.93 -18.52
N PRO A 59 0.13 11.83 -19.37
CA PRO A 59 1.50 11.71 -19.88
C PRO A 59 2.50 12.23 -18.86
N LEU A 60 3.78 12.00 -19.16
CA LEU A 60 4.84 12.43 -18.24
C LEU A 60 4.87 13.94 -18.07
N THR A 61 4.35 14.69 -19.04
CA THR A 61 4.30 16.15 -18.90
C THR A 61 3.30 16.59 -17.83
N HIS A 62 2.40 15.71 -17.42
CA HIS A 62 1.41 16.06 -16.39
C HIS A 62 2.00 16.03 -14.98
N LEU A 63 3.10 15.31 -14.77
CA LEU A 63 3.74 15.27 -13.46
C LEU A 63 4.31 16.61 -13.04
N ASP A 64 4.44 17.57 -13.97
CA ASP A 64 5.01 18.88 -13.69
C ASP A 64 3.94 19.98 -13.65
N LYS A 65 2.68 19.60 -13.41
CA LYS A 65 1.60 20.57 -13.31
C LYS A 65 1.50 21.08 -11.87
N LEU A 66 1.54 22.41 -11.72
CA LEU A 66 1.47 23.01 -10.41
C LEU A 66 0.04 22.99 -9.88
N ILE A 67 -0.14 22.41 -8.69
CA ILE A 67 -1.44 22.32 -8.04
C ILE A 67 -1.40 23.18 -6.79
N THR A 68 -2.31 24.15 -6.71
CA THR A 68 -2.34 25.11 -5.62
C THR A 68 -3.38 24.67 -4.58
N TYR A 69 -2.90 24.33 -3.39
CA TYR A 69 -3.76 23.97 -2.26
C TYR A 69 -3.48 24.91 -1.10
N THR A 70 -4.33 24.81 -0.08
CA THR A 70 -4.25 25.65 1.10
C THR A 70 -3.86 24.83 2.31
N SER A 71 -3.64 25.52 3.43
CA SER A 71 -3.44 24.84 4.70
C SER A 71 -4.74 24.27 5.26
N ASP A 72 -5.88 24.83 4.88
CA ASP A 72 -7.16 24.25 5.26
C ASP A 72 -7.42 22.92 4.55
N ASP A 73 -6.74 22.66 3.43
CA ASP A 73 -6.80 21.37 2.77
C ASP A 73 -5.99 20.31 3.49
N ILE A 74 -5.31 20.66 4.58
CA ILE A 74 -4.48 19.72 5.35
C ILE A 74 -5.37 19.22 6.49
N ARG A 75 -6.05 18.10 6.25
CA ARG A 75 -6.89 17.46 7.25
C ARG A 75 -6.37 16.09 7.66
N SER A 76 -5.14 15.75 7.29
CA SER A 76 -4.60 14.44 7.55
C SER A 76 -3.10 14.55 7.78
N ILE A 77 -2.52 13.49 8.35
CA ILE A 77 -1.08 13.43 8.59
C ILE A 77 -0.39 13.56 7.25
N SER A 78 0.22 14.73 6.99
CA SER A 78 0.79 15.04 5.70
C SER A 78 2.13 15.73 5.91
N PRO A 79 3.22 14.95 6.03
CA PRO A 79 4.51 15.55 6.41
C PRO A 79 5.15 16.38 5.31
N VAL A 80 4.89 16.09 4.04
CA VAL A 80 5.57 16.80 2.95
C VAL A 80 4.74 18.00 2.47
N ALA A 81 3.43 17.86 2.39
CA ALA A 81 2.58 18.97 1.97
C ALA A 81 2.50 20.09 3.00
N GLN A 82 3.05 19.88 4.19
CA GLN A 82 2.99 20.88 5.24
C GLN A 82 3.95 22.04 4.96
N GLN A 83 5.03 21.78 4.23
CA GLN A 83 6.03 22.80 3.93
C GLN A 83 5.72 23.58 2.66
N HIS A 84 4.98 22.99 1.72
CA HIS A 84 4.68 23.62 0.45
C HIS A 84 3.25 24.13 0.40
N VAL A 85 2.84 24.88 1.42
CA VAL A 85 1.48 25.39 1.48
C VAL A 85 1.27 26.49 0.42
N GLN A 86 2.27 27.35 0.22
CA GLN A 86 2.19 28.39 -0.78
C GLN A 86 2.91 28.07 -2.08
N THR A 87 3.91 27.16 -2.04
CA THR A 87 4.60 26.80 -3.26
C THR A 87 3.74 25.95 -4.18
N GLY A 88 2.64 25.39 -3.67
CA GLY A 88 2.01 24.32 -4.40
C GLY A 88 2.98 23.16 -4.48
N MET A 89 2.62 22.19 -5.33
CA MET A 89 3.52 21.09 -5.60
C MET A 89 3.10 20.43 -6.90
N THR A 90 4.09 20.06 -7.71
CA THR A 90 3.82 19.36 -8.95
C THR A 90 3.31 17.94 -8.67
N ILE A 91 2.59 17.38 -9.65
CA ILE A 91 2.02 16.06 -9.50
C ILE A 91 3.10 15.02 -9.21
N GLY A 92 4.25 15.15 -9.86
CA GLY A 92 5.36 14.26 -9.58
C GLY A 92 5.86 14.36 -8.16
N GLN A 93 5.71 15.53 -7.54
CA GLN A 93 6.14 15.71 -6.16
C GLN A 93 5.13 15.18 -5.17
N LEU A 94 3.83 15.23 -5.50
CA LEU A 94 2.83 14.62 -4.64
C LEU A 94 2.83 13.11 -4.78
N CYS A 95 3.11 12.59 -5.98
CA CYS A 95 3.36 11.16 -6.11
C CYS A 95 4.51 10.72 -5.21
N ASP A 96 5.54 11.57 -5.10
CA ASP A 96 6.66 11.28 -4.21
C ASP A 96 6.23 11.34 -2.75
N ALA A 97 5.39 12.32 -2.40
CA ALA A 97 4.96 12.46 -1.02
C ALA A 97 3.99 11.34 -0.62
N ALA A 98 3.03 11.02 -1.49
CA ALA A 98 2.02 10.01 -1.14
C ALA A 98 2.62 8.62 -0.99
N ILE A 99 3.73 8.35 -1.68
CA ILE A 99 4.33 7.01 -1.61
C ILE A 99 5.44 6.98 -0.57
N ARG A 100 6.41 7.88 -0.70
CA ARG A 100 7.60 7.82 0.14
C ARG A 100 7.29 8.24 1.57
N TYR A 101 6.42 9.24 1.75
CA TYR A 101 6.09 9.74 3.08
C TYR A 101 4.63 9.55 3.46
N SER A 102 3.80 8.98 2.57
CA SER A 102 2.39 8.72 2.86
C SER A 102 1.64 10.01 3.22
N ASP A 103 1.93 11.08 2.48
CA ASP A 103 1.29 12.37 2.72
C ASP A 103 -0.20 12.28 2.45
N GLY A 104 -1.00 12.58 3.49
CA GLY A 104 -2.45 12.44 3.35
C GLY A 104 -3.04 13.46 2.39
N THR A 105 -2.59 14.72 2.48
CA THR A 105 -3.09 15.74 1.57
C THR A 105 -2.66 15.47 0.13
N ALA A 106 -1.50 14.84 -0.06
CA ALA A 106 -1.07 14.47 -1.41
C ALA A 106 -2.08 13.54 -2.07
N ALA A 107 -2.46 12.47 -1.37
CA ALA A 107 -3.41 11.51 -1.93
C ALA A 107 -4.77 12.15 -2.18
N ASN A 108 -5.17 13.09 -1.33
CA ASN A 108 -6.49 13.71 -1.48
C ASN A 108 -6.56 14.52 -2.77
N LEU A 109 -5.57 15.36 -3.02
CA LEU A 109 -5.53 16.06 -4.29
C LEU A 109 -5.06 15.18 -5.44
N LEU A 110 -4.46 14.03 -5.12
CA LEU A 110 -4.25 13.02 -6.15
C LEU A 110 -5.58 12.41 -6.60
N LEU A 111 -6.49 12.18 -5.65
CA LEU A 111 -7.83 11.74 -6.00
C LEU A 111 -8.58 12.80 -6.80
N ALA A 112 -8.33 14.09 -6.52
CA ALA A 112 -9.02 15.15 -7.23
C ALA A 112 -8.57 15.22 -8.70
N ASP A 113 -7.28 15.05 -8.95
CA ASP A 113 -6.75 15.06 -10.31
C ASP A 113 -7.21 13.85 -11.11
N LEU A 114 -7.80 12.84 -10.48
CA LEU A 114 -8.20 11.62 -11.15
C LEU A 114 -9.70 11.55 -11.43
N GLY A 115 -10.54 11.97 -10.48
CA GLY A 115 -11.97 11.89 -10.66
C GLY A 115 -12.70 13.19 -10.35
N GLY A 116 -11.96 14.26 -10.12
CA GLY A 116 -12.56 15.55 -9.85
C GLY A 116 -12.80 15.77 -8.37
N PRO A 117 -13.55 16.83 -8.04
CA PRO A 117 -13.76 17.16 -6.62
C PRO A 117 -14.52 16.10 -5.84
N GLY A 118 -15.36 15.32 -6.50
CA GLY A 118 -16.18 14.36 -5.78
C GLY A 118 -16.21 12.96 -6.36
N GLY A 119 -15.40 12.72 -7.39
CA GLY A 119 -15.38 11.41 -8.02
C GLY A 119 -14.02 10.73 -7.95
N GLY A 120 -13.21 11.13 -6.98
CA GLY A 120 -11.86 10.59 -6.89
C GLY A 120 -11.82 9.15 -6.42
N THR A 121 -12.51 8.86 -5.31
CA THR A 121 -12.50 7.51 -4.77
C THR A 121 -13.16 6.51 -5.72
N ALA A 122 -14.19 6.94 -6.45
CA ALA A 122 -14.81 6.04 -7.42
C ALA A 122 -13.91 5.81 -8.63
N ALA A 123 -13.08 6.79 -8.98
CA ALA A 123 -12.19 6.64 -10.12
C ALA A 123 -10.96 5.80 -9.77
N PHE A 124 -10.45 5.94 -8.54
CA PHE A 124 -9.38 5.07 -8.09
C PHE A 124 -9.85 3.62 -8.01
N THR A 125 -11.09 3.41 -7.56
CA THR A 125 -11.65 2.06 -7.54
C THR A 125 -11.84 1.53 -8.95
N GLY A 126 -12.25 2.39 -9.88
CA GLY A 126 -12.39 1.97 -11.26
C GLY A 126 -11.08 1.60 -11.92
N TYR A 127 -9.99 2.27 -11.55
CA TYR A 127 -8.69 1.90 -12.10
C TYR A 127 -8.27 0.51 -11.61
N LEU A 128 -8.57 0.19 -10.35
CA LEU A 128 -8.29 -1.15 -9.85
C LEU A 128 -9.09 -2.21 -10.61
N ARG A 129 -10.33 -1.86 -11.00
CA ARG A 129 -11.10 -2.75 -11.85
C ARG A 129 -10.41 -2.96 -13.20
N SER A 130 -9.76 -1.92 -13.72
CA SER A 130 -9.05 -2.04 -14.98
C SER A 130 -7.83 -2.95 -14.88
N LEU A 131 -7.34 -3.21 -13.66
CA LEU A 131 -6.29 -4.19 -13.44
C LEU A 131 -6.83 -5.59 -13.21
N GLY A 132 -8.16 -5.75 -13.18
CA GLY A 132 -8.78 -7.02 -12.86
C GLY A 132 -9.25 -7.14 -11.43
N ASP A 133 -8.94 -6.16 -10.58
CA ASP A 133 -9.32 -6.18 -9.18
C ASP A 133 -10.77 -5.73 -9.06
N THR A 134 -11.66 -6.69 -8.84
CA THR A 134 -13.07 -6.42 -8.63
C THR A 134 -13.47 -6.52 -7.15
N VAL A 135 -12.50 -6.73 -6.27
CA VAL A 135 -12.78 -6.93 -4.86
C VAL A 135 -12.52 -5.65 -4.05
N SER A 136 -11.40 -4.98 -4.32
CA SER A 136 -11.05 -3.78 -3.57
C SER A 136 -12.04 -2.66 -3.85
N ARG A 137 -12.15 -1.75 -2.89
CA ARG A 137 -13.03 -0.60 -3.03
C ARG A 137 -12.49 0.53 -2.16
N LEU A 138 -12.50 1.75 -2.72
CA LEU A 138 -12.19 2.95 -1.95
C LEU A 138 -13.42 3.85 -1.98
N ASP A 139 -13.94 4.15 -0.79
CA ASP A 139 -15.15 4.96 -0.67
C ASP A 139 -14.94 6.27 0.05
N ALA A 140 -13.90 6.39 0.87
CA ALA A 140 -13.62 7.60 1.61
C ALA A 140 -12.27 8.16 1.21
N GLU A 141 -12.08 9.45 1.49
CA GLU A 141 -10.79 10.11 1.35
C GLU A 141 -10.14 10.23 2.73
N GLU A 142 -8.91 10.71 2.74
CA GLU A 142 -8.29 11.04 4.01
C GLU A 142 -9.08 12.17 4.67
N PRO A 143 -9.30 12.12 5.98
CA PRO A 143 -8.76 11.19 6.98
C PRO A 143 -9.64 9.99 7.28
N GLU A 144 -10.77 9.84 6.59
CA GLU A 144 -11.80 8.89 7.02
C GLU A 144 -11.55 7.47 6.54
N LEU A 145 -10.71 7.26 5.53
CA LEU A 145 -10.51 5.91 5.02
C LEU A 145 -9.73 5.02 5.98
N ASN A 146 -9.20 5.58 7.06
CA ASN A 146 -8.48 4.80 8.06
C ASN A 146 -9.30 4.62 9.34
N ARG A 147 -10.58 5.00 9.32
CA ARG A 147 -11.41 4.99 10.53
C ARG A 147 -12.64 4.12 10.41
N ASP A 148 -12.76 3.32 9.35
CA ASP A 148 -13.95 2.52 9.19
C ASP A 148 -14.01 1.43 10.26
N PRO A 149 -15.21 1.10 10.75
CA PRO A 149 -15.34 0.09 11.81
C PRO A 149 -14.91 -1.28 11.32
N PRO A 150 -14.55 -2.19 12.22
CA PRO A 150 -14.21 -3.56 11.80
C PRO A 150 -15.40 -4.23 11.14
N GLY A 151 -15.11 -5.13 10.21
CA GLY A 151 -16.13 -5.81 9.45
C GLY A 151 -16.73 -5.01 8.32
N ASP A 152 -16.54 -3.69 8.32
CA ASP A 152 -17.05 -2.86 7.23
C ASP A 152 -16.24 -3.11 5.96
N GLU A 153 -16.95 -3.27 4.84
CA GLU A 153 -16.30 -3.53 3.57
C GLU A 153 -15.75 -2.28 2.90
N ARG A 154 -16.12 -1.09 3.36
CA ARG A 154 -15.67 0.12 2.70
C ARG A 154 -14.18 0.36 2.95
N ASP A 155 -13.52 0.94 1.93
CA ASP A 155 -12.09 1.27 1.98
C ASP A 155 -11.24 0.04 2.29
N THR A 156 -11.65 -1.10 1.76
CA THR A 156 -10.98 -2.37 2.03
C THR A 156 -10.47 -3.00 0.74
N THR A 157 -9.42 -3.81 0.89
CA THR A 157 -8.98 -4.73 -0.15
C THR A 157 -8.69 -6.06 0.52
N THR A 158 -8.12 -7.00 -0.21
CA THR A 158 -7.65 -8.24 0.36
C THR A 158 -6.16 -8.39 0.06
N PRO A 159 -5.43 -9.16 0.86
CA PRO A 159 -4.04 -9.46 0.49
C PRO A 159 -3.93 -10.05 -0.90
N HIS A 160 -4.84 -10.96 -1.26
CA HIS A 160 -4.88 -11.52 -2.60
C HIS A 160 -5.07 -10.43 -3.65
N ALA A 161 -5.96 -9.47 -3.38
CA ALA A 161 -6.29 -8.48 -4.40
C ALA A 161 -5.15 -7.48 -4.59
N ILE A 162 -4.64 -6.93 -3.48
CA ILE A 162 -3.63 -5.88 -3.60
C ILE A 162 -2.28 -6.45 -4.01
N ALA A 163 -1.99 -7.71 -3.66
CA ALA A 163 -0.76 -8.33 -4.12
C ALA A 163 -0.81 -8.65 -5.60
N LEU A 164 -1.98 -9.04 -6.10
CA LEU A 164 -2.13 -9.23 -7.54
C LEU A 164 -1.97 -7.91 -8.27
N VAL A 165 -2.53 -6.82 -7.73
CA VAL A 165 -2.44 -5.52 -8.37
C VAL A 165 -0.99 -5.05 -8.44
N LEU A 166 -0.26 -5.18 -7.34
CA LEU A 166 1.14 -4.74 -7.34
C LEU A 166 2.01 -5.63 -8.23
N GLN A 167 1.62 -6.89 -8.43
CA GLN A 167 2.35 -7.74 -9.36
C GLN A 167 2.18 -7.26 -10.79
N GLN A 168 1.07 -6.59 -11.12
CA GLN A 168 0.91 -5.96 -12.42
C GLN A 168 1.56 -4.59 -12.49
N LEU A 169 1.74 -3.92 -11.35
CA LEU A 169 2.34 -2.59 -11.35
C LEU A 169 3.86 -2.66 -11.45
N VAL A 170 4.49 -3.57 -10.71
CA VAL A 170 5.94 -3.68 -10.69
C VAL A 170 6.45 -4.72 -11.66
N LEU A 171 5.79 -5.88 -11.73
CA LEU A 171 6.26 -6.98 -12.56
C LEU A 171 5.46 -7.14 -13.85
N GLY A 172 4.25 -6.60 -13.91
CA GLY A 172 3.40 -6.76 -15.07
C GLY A 172 3.61 -5.68 -16.11
N ASN A 173 2.69 -5.65 -17.09
CA ASN A 173 2.71 -4.66 -18.16
C ASN A 173 1.45 -3.79 -18.13
N ALA A 174 1.04 -3.40 -16.93
CA ALA A 174 0.00 -2.39 -16.76
C ALA A 174 0.54 -0.99 -16.91
N LEU A 175 1.75 -0.73 -16.44
CA LEU A 175 2.38 0.56 -16.59
C LEU A 175 3.52 0.47 -17.60
N PRO A 176 3.62 1.41 -18.53
CA PRO A 176 4.69 1.37 -19.54
C PRO A 176 6.06 1.44 -18.88
N PRO A 177 7.13 1.05 -19.60
CA PRO A 177 8.48 1.00 -19.01
C PRO A 177 8.87 2.23 -18.20
N ASP A 178 8.90 3.40 -18.84
CA ASP A 178 9.40 4.59 -18.16
C ASP A 178 8.51 4.98 -16.98
N LYS A 179 7.19 4.85 -17.14
CA LYS A 179 6.30 5.12 -16.01
C LYS A 179 6.46 4.07 -14.92
N ARG A 180 6.71 2.81 -15.30
CA ARG A 180 6.98 1.78 -14.32
C ARG A 180 8.27 2.05 -13.56
N ALA A 181 9.25 2.69 -14.22
CA ALA A 181 10.54 2.92 -13.58
C ALA A 181 10.44 3.92 -12.44
N LEU A 182 9.60 4.94 -12.59
CA LEU A 182 9.44 5.94 -11.53
C LEU A 182 8.58 5.41 -10.39
N LEU A 183 7.59 4.56 -10.68
CA LEU A 183 6.82 3.93 -9.61
C LEU A 183 7.68 2.97 -8.82
N THR A 184 8.54 2.21 -9.50
CA THR A 184 9.45 1.30 -8.79
C THR A 184 10.50 2.09 -8.01
N ASP A 185 10.88 3.27 -8.49
CA ASP A 185 11.83 4.09 -7.74
C ASP A 185 11.19 4.75 -6.52
N TRP A 186 9.91 5.10 -6.61
CA TRP A 186 9.27 5.84 -5.53
C TRP A 186 9.14 5.00 -4.27
N MET A 187 8.57 3.79 -4.40
CA MET A 187 8.40 2.94 -3.22
C MET A 187 9.72 2.34 -2.74
N ALA A 188 10.72 2.24 -3.61
CA ALA A 188 12.04 1.79 -3.18
C ALA A 188 12.79 2.88 -2.40
N ARG A 189 12.31 4.12 -2.43
CA ARG A 189 12.84 5.20 -1.62
C ARG A 189 12.00 5.47 -0.39
N ASN A 190 10.97 4.64 -0.14
CA ASN A 190 10.03 4.89 0.94
C ASN A 190 10.74 4.91 2.28
N THR A 191 10.37 5.87 3.12
CA THR A 191 10.93 6.03 4.46
C THR A 191 9.90 5.74 5.54
N THR A 192 8.98 4.81 5.29
CA THR A 192 7.97 4.42 6.26
C THR A 192 7.97 2.94 6.60
N GLY A 193 8.55 2.08 5.76
CA GLY A 193 8.47 0.65 5.98
C GLY A 193 9.78 -0.03 6.30
N ALA A 194 10.61 0.60 7.13
CA ALA A 194 11.89 0.01 7.48
C ALA A 194 11.72 -1.16 8.46
N LYS A 195 10.77 -1.03 9.39
CA LYS A 195 10.58 -2.03 10.43
C LYS A 195 9.50 -3.05 10.09
N ARG A 196 9.05 -3.09 8.84
CA ARG A 196 7.98 -4.02 8.46
C ARG A 196 8.55 -5.17 7.63
N ILE A 197 8.23 -5.20 6.32
CA ILE A 197 8.67 -6.32 5.50
C ILE A 197 10.18 -6.30 5.32
N ARG A 198 10.77 -5.11 5.18
CA ARG A 198 12.23 -5.00 5.13
C ARG A 198 12.88 -5.66 6.34
N ALA A 199 12.36 -5.36 7.54
CA ALA A 199 12.91 -5.93 8.76
C ALA A 199 12.87 -7.45 8.75
N GLY A 200 12.01 -8.06 7.92
CA GLY A 200 11.89 -9.50 7.87
C GLY A 200 12.75 -10.18 6.82
N PHE A 201 13.14 -9.43 5.78
CA PHE A 201 13.98 -10.05 4.77
C PHE A 201 15.43 -9.65 4.96
N PRO A 202 16.38 -10.55 4.61
CA PRO A 202 17.81 -10.24 4.84
C PRO A 202 18.31 -9.05 4.03
N ALA A 203 19.58 -8.67 4.26
CA ALA A 203 20.10 -7.44 3.68
C ALA A 203 20.29 -7.56 2.17
N ASP A 204 20.88 -8.66 1.72
CA ASP A 204 21.12 -8.82 0.28
C ASP A 204 19.86 -9.15 -0.50
N TRP A 205 18.70 -9.14 0.16
CA TRP A 205 17.42 -9.22 -0.52
C TRP A 205 16.89 -7.80 -0.75
N LYS A 206 16.47 -7.51 -1.97
CA LYS A 206 16.01 -6.18 -2.33
C LYS A 206 14.52 -6.05 -2.06
N VAL A 207 14.12 -4.96 -1.42
CA VAL A 207 12.74 -4.78 -0.98
C VAL A 207 12.23 -3.42 -1.48
N ILE A 208 10.96 -3.40 -1.90
CA ILE A 208 10.26 -2.20 -2.32
C ILE A 208 8.84 -2.30 -1.78
N ASP A 209 8.37 -1.27 -1.08
CA ASP A 209 7.15 -1.41 -0.29
C ASP A 209 6.43 -0.08 -0.14
N LYS A 210 5.18 -0.19 0.30
CA LYS A 210 4.31 0.95 0.61
C LYS A 210 3.48 0.56 1.83
N THR A 211 3.57 1.35 2.90
CA THR A 211 2.95 0.98 4.16
C THR A 211 1.51 1.46 4.24
N GLY A 212 0.83 1.01 5.30
CA GLY A 212 -0.49 1.45 5.66
C GLY A 212 -0.70 1.26 7.14
N THR A 213 -1.20 2.29 7.83
CA THR A 213 -1.39 2.25 9.27
C THR A 213 -2.61 3.07 9.63
N GLY A 214 -3.44 2.55 10.53
CA GLY A 214 -4.66 3.25 10.84
C GLY A 214 -5.26 2.81 12.16
N ASP A 215 -6.48 3.26 12.39
CA ASP A 215 -7.21 2.96 13.61
C ASP A 215 -7.44 1.45 13.75
N TYR A 216 -7.89 1.07 14.95
CA TYR A 216 -8.15 -0.33 15.27
C TYR A 216 -6.92 -1.20 15.04
N GLY A 217 -5.75 -0.63 15.32
CA GLY A 217 -4.51 -1.38 15.24
C GLY A 217 -4.13 -1.82 13.84
N ARG A 218 -4.55 -1.10 12.82
CA ARG A 218 -4.25 -1.48 11.45
C ARG A 218 -2.80 -1.13 11.11
N ALA A 219 -2.10 -2.06 10.47
CA ALA A 219 -0.74 -1.82 9.99
C ALA A 219 -0.51 -2.75 8.81
N ASN A 220 -0.32 -2.17 7.63
CA ASN A 220 -0.14 -2.95 6.41
C ASN A 220 1.17 -2.55 5.74
N ASP A 221 1.60 -3.41 4.79
CA ASP A 221 2.80 -3.12 4.00
C ASP A 221 2.76 -4.04 2.78
N ILE A 222 2.38 -3.48 1.64
CA ILE A 222 2.39 -4.20 0.37
C ILE A 222 3.78 -4.04 -0.25
N ALA A 223 4.33 -5.14 -0.78
CA ALA A 223 5.72 -5.08 -1.18
C ALA A 223 6.03 -6.11 -2.26
N VAL A 224 7.06 -5.81 -3.05
CA VAL A 224 7.69 -6.74 -3.97
C VAL A 224 9.12 -6.93 -3.49
N VAL A 225 9.54 -8.17 -3.26
CA VAL A 225 10.86 -8.47 -2.76
C VAL A 225 11.66 -9.13 -3.87
N TRP A 226 12.96 -8.82 -3.92
CA TRP A 226 13.89 -9.42 -4.86
C TRP A 226 14.99 -10.13 -4.09
N SER A 227 15.37 -11.29 -4.57
CA SER A 227 16.40 -12.13 -3.97
C SER A 227 17.71 -11.97 -4.70
N PRO A 228 18.82 -12.45 -4.12
CA PRO A 228 20.13 -12.27 -4.79
C PRO A 228 20.21 -12.86 -6.18
N THR A 229 19.57 -14.01 -6.44
CA THR A 229 19.57 -14.54 -7.79
C THR A 229 18.70 -13.72 -8.74
N GLY A 230 17.74 -12.98 -8.21
CA GLY A 230 16.91 -12.10 -9.01
C GLY A 230 15.48 -12.52 -9.17
N VAL A 231 15.06 -13.62 -8.56
CA VAL A 231 13.69 -14.12 -8.69
C VAL A 231 12.75 -13.21 -7.93
N PRO A 232 11.79 -12.56 -8.59
CA PRO A 232 10.94 -11.59 -7.90
C PRO A 232 9.75 -12.25 -7.21
N TYR A 233 9.39 -11.70 -6.05
CA TYR A 233 8.23 -12.16 -5.30
C TYR A 233 7.45 -10.95 -4.80
N VAL A 234 6.13 -11.07 -4.79
CA VAL A 234 5.24 -10.04 -4.26
C VAL A 234 4.73 -10.53 -2.90
N VAL A 235 4.84 -9.66 -1.90
CA VAL A 235 4.45 -9.99 -0.54
C VAL A 235 3.45 -8.94 -0.06
N ALA A 236 2.34 -9.40 0.51
CA ALA A 236 1.31 -8.53 1.05
C ALA A 236 1.01 -8.97 2.47
N VAL A 237 1.39 -8.15 3.45
CA VAL A 237 1.19 -8.45 4.87
C VAL A 237 0.27 -7.38 5.43
N MET A 238 -0.97 -7.77 5.71
CA MET A 238 -1.97 -6.88 6.28
C MET A 238 -2.50 -7.48 7.58
N SER A 239 -2.70 -6.65 8.59
CA SER A 239 -3.19 -7.13 9.86
C SER A 239 -3.98 -6.02 10.54
N ASP A 240 -4.67 -6.39 11.62
CA ASP A 240 -5.36 -5.40 12.44
C ASP A 240 -5.70 -6.04 13.78
N ARG A 241 -5.88 -5.19 14.79
CA ARG A 241 -6.19 -5.60 16.15
C ARG A 241 -7.55 -5.01 16.53
N ALA A 242 -8.60 -5.51 15.90
CA ALA A 242 -9.94 -4.92 16.04
C ALA A 242 -10.41 -4.97 17.49
N GLY A 243 -10.20 -6.10 18.17
CA GLY A 243 -10.72 -6.27 19.51
C GLY A 243 -9.97 -5.51 20.59
N GLY A 244 -9.65 -4.25 20.34
CA GLY A 244 -8.94 -3.45 21.31
C GLY A 244 -9.34 -1.98 21.28
N GLY A 245 -10.30 -1.64 20.42
CA GLY A 245 -10.76 -0.28 20.28
C GLY A 245 -10.12 0.43 19.10
N TYR A 246 -10.59 1.66 18.86
CA TYR A 246 -10.04 2.45 17.77
C TYR A 246 -8.59 2.83 18.04
N ASP A 247 -8.19 2.95 19.30
CA ASP A 247 -6.85 3.35 19.67
C ASP A 247 -5.95 2.16 19.96
N ALA A 248 -6.33 0.96 19.52
CA ALA A 248 -5.46 -0.20 19.68
C ALA A 248 -4.14 0.05 18.98
N GLU A 249 -3.05 -0.27 19.66
CA GLU A 249 -1.73 0.03 19.13
C GLU A 249 -1.37 -0.94 18.02
N PRO A 250 -1.00 -0.45 16.83
CA PRO A 250 -0.48 -1.36 15.80
C PRO A 250 0.87 -1.93 16.20
N ARG A 251 1.15 -3.12 15.70
CA ARG A 251 2.38 -3.85 16.01
C ARG A 251 3.19 -3.97 14.73
N GLU A 252 4.21 -3.12 14.58
CA GLU A 252 5.06 -3.18 13.40
C GLU A 252 5.92 -4.43 13.38
N ALA A 253 6.22 -4.99 14.55
CA ALA A 253 6.96 -6.24 14.62
C ALA A 253 6.15 -7.42 14.09
N LEU A 254 4.82 -7.29 14.03
CA LEU A 254 3.98 -8.34 13.48
C LEU A 254 4.29 -8.58 12.00
N LEU A 255 4.31 -7.51 11.20
CA LEU A 255 4.58 -7.66 9.78
C LEU A 255 6.02 -8.14 9.54
N ALA A 256 6.96 -7.71 10.37
CA ALA A 256 8.34 -8.18 10.25
C ALA A 256 8.40 -9.69 10.49
N GLU A 257 7.72 -10.17 11.52
CA GLU A 257 7.70 -11.60 11.81
C GLU A 257 7.07 -12.38 10.67
N ALA A 258 5.94 -11.90 10.14
CA ALA A 258 5.33 -12.57 9.00
C ALA A 258 6.26 -12.57 7.79
N ALA A 259 7.02 -11.48 7.60
CA ALA A 259 7.98 -11.43 6.52
C ALA A 259 9.15 -12.38 6.74
N THR A 260 9.52 -12.63 7.99
CA THR A 260 10.56 -13.62 8.25
C THR A 260 10.09 -15.03 7.89
N CYS A 261 8.80 -15.30 8.04
CA CYS A 261 8.29 -16.63 7.74
C CYS A 261 8.22 -16.87 6.23
N VAL A 262 7.89 -15.84 5.46
CA VAL A 262 7.85 -16.02 4.01
C VAL A 262 9.26 -16.05 3.43
N ALA A 263 10.24 -15.44 4.12
CA ALA A 263 11.63 -15.58 3.71
C ALA A 263 12.14 -16.99 3.96
N GLY A 264 11.61 -17.67 4.98
CA GLY A 264 12.04 -19.03 5.28
C GLY A 264 11.59 -20.06 4.25
N VAL A 265 10.53 -19.77 3.51
CA VAL A 265 10.06 -20.68 2.47
C VAL A 265 10.49 -20.23 1.08
N LEU A 266 11.30 -19.16 1.00
CA LEU A 266 11.80 -18.64 -0.27
C LEU A 266 13.30 -18.86 -0.42
N ALA A 267 13.88 -19.77 0.35
CA ALA A 267 15.32 -19.99 0.32
C ALA A 267 15.79 -20.55 -1.02
O1 FZS B . -2.04 4.60 6.30
N FZS B . -2.85 6.97 8.04
CA FZS B . -1.54 6.48 7.64
C FZS B . -1.63 5.78 6.31
CB FZS B . -0.42 7.55 7.55
CAA FZS B . -6.64 9.91 9.92
CAJ FZS B . -2.01 6.37 11.27
CAK FZS B . 2.69 5.45 9.50
CAL FZS B . 1.78 7.71 9.40
CAV FZS B . 1.85 4.73 6.70
CAW FZS B . -3.14 8.05 8.77
CAX FZS B . 2.00 6.35 8.81
CAZ FZS B . -3.83 7.87 10.15
CBA FZS B . 1.46 6.03 7.45
CBB FZS B . -3.41 5.90 13.27
CBC FZS B . -3.29 6.96 11.27
NAC FZS B . -3.97 5.49 14.44
NAM FZS B . -4.91 8.47 10.36
NAN FZS B . -4.05 6.69 12.39
NBI FZS B . 0.68 6.84 6.88
OAD FZS B . 2.29 4.83 5.53
OAE FZS B . -2.88 9.18 8.38
OAI FZS B . 1.72 3.63 7.26
OAR FZS B . -5.45 9.23 9.52
SAT FZS B . 0.08 8.09 9.16
SAU FZS B . -1.84 5.46 12.74
C1 9F2 C . -0.24 7.51 7.57
S1 9F2 C . 0.23 7.92 9.20
C2 9F2 C . 1.93 7.45 9.32
C3 9F2 C . 2.10 6.05 8.77
C4 9F2 C . 2.95 5.05 9.52
S2 9F2 C . 4.67 5.24 9.21
C5 9F2 C . 5.53 6.14 10.39
N1 9F2 C . 6.24 7.20 9.96
C6 9F2 C . 6.96 7.95 10.84
O1 9F2 C . 7.61 8.94 10.42
C7 9F2 C . 6.97 7.64 12.19
O2 9F2 C . 7.63 8.34 12.98
N2 9F2 C . 6.29 6.59 12.64
N3 9F2 C . 5.55 5.80 11.76
C8 9F2 C . 4.81 4.66 12.31
C9 9F2 C . 1.48 5.67 7.64
N4 9F2 C . 0.27 6.14 7.41
C10 9F2 C . -0.85 5.51 7.08
O3 9F2 C . -1.18 4.40 6.71
C11 9F2 C . -1.56 6.79 7.34
N5 9F2 C . -2.62 6.84 8.35
C12 9F2 C . -3.02 7.95 8.96
O4 9F2 C . -2.80 9.06 8.52
C13 9F2 C . -3.74 7.80 10.23
N6 9F2 C . -4.83 8.39 10.39
O5 9F2 C . -5.33 9.13 9.50
C14 9F2 C . -6.54 9.81 9.80
C15 9F2 C . -3.23 6.94 11.33
C16 9F2 C . -1.93 6.38 11.34
S3 9F2 C . -1.76 5.46 12.80
C17 9F2 C . -3.35 5.85 13.31
N7 9F2 C . -3.91 5.40 14.46
N8 9F2 C . -4.00 6.63 12.42
C18 9F2 C . 2.07 4.71 6.71
O6 9F2 C . 1.83 3.51 6.86
O7 9F2 C . 2.77 5.14 5.77
#